data_3LGL
#
_entry.id   3LGL
#
_cell.length_a   56.430
_cell.length_b   78.070
_cell.length_c   36.190
_cell.angle_alpha   90.00
_cell.angle_beta   121.96
_cell.angle_gamma   90.00
#
_symmetry.space_group_name_H-M   'C 1 2 1'
#
loop_
_entity.id
_entity.type
_entity.pdbx_description
1 polymer 'Tumor suppressor p53-binding protein 1'
2 polymer 'DIMETHYLATED p53 LYSINE 382 PEPTIDE'
3 non-polymer 'TRIETHYLENE GLYCOL'
4 non-polymer 'SULFATE ION'
5 water water
#
loop_
_entity_poly.entity_id
_entity_poly.type
_entity_poly.pdbx_seq_one_letter_code
_entity_poly.pdbx_strand_id
1 'polypeptide(L)'
;GPLGSNSFVGLRVVAKWSSNGYFYSGKITRDVGAGKYKLLFDDGYECDVLGKDILLCDPIPLDTEVTALSEDEYFSAGVV
KGHRKESGELYYSIEKEGQRKWYKRMAVILSLEQGNRLREQYGLG
;
A
2 'polypeptide(L)' TSRHK(MLY)LMFKT B
#
loop_
_chem_comp.id
_chem_comp.type
_chem_comp.name
_chem_comp.formula
PGE non-polymer 'TRIETHYLENE GLYCOL' 'C6 H14 O4'
SO4 non-polymer 'SULFATE ION' 'O4 S -2'
#
# COMPACT_ATOMS: atom_id res chain seq x y z
N SER A 7 14.14 -8.56 13.20
CA SER A 7 14.44 -7.52 12.22
C SER A 7 13.28 -7.29 11.23
N PHE A 8 13.28 -6.12 10.61
CA PHE A 8 12.20 -5.73 9.72
C PHE A 8 12.31 -6.39 8.34
N VAL A 9 13.40 -7.10 8.12
CA VAL A 9 13.65 -7.72 6.82
C VAL A 9 12.63 -8.81 6.54
N GLY A 10 11.99 -8.73 5.38
CA GLY A 10 10.99 -9.70 4.98
C GLY A 10 9.57 -9.26 5.30
N LEU A 11 9.41 -8.12 5.98
CA LEU A 11 8.07 -7.64 6.29
C LEU A 11 7.38 -7.12 5.03
N ARG A 12 6.08 -7.39 4.89
CA ARG A 12 5.28 -6.76 3.84
C ARG A 12 4.77 -5.43 4.33
N VAL A 13 4.91 -4.41 3.47
CA VAL A 13 4.66 -3.05 3.86
C VAL A 13 4.03 -2.31 2.70
N VAL A 14 3.69 -1.03 2.92
CA VAL A 14 3.22 -0.14 1.87
C VAL A 14 4.12 1.06 2.01
N ALA A 15 4.90 1.33 0.96
CA ALA A 15 6.01 2.28 1.07
C ALA A 15 5.96 3.34 -0.01
N LYS A 16 6.45 4.53 0.35
CA LYS A 16 6.37 5.66 -0.54
C LYS A 16 7.40 5.56 -1.66
N TRP A 17 6.91 5.82 -2.87
CA TRP A 17 7.76 6.04 -4.04
C TRP A 17 8.00 7.53 -4.17
N SER A 18 9.20 7.97 -3.86
CA SER A 18 9.44 9.41 -3.71
C SER A 18 9.11 10.22 -4.97
N SER A 19 9.33 9.65 -6.13
CA SER A 19 9.16 10.43 -7.36
C SER A 19 7.70 10.87 -7.58
N ASN A 20 6.73 10.14 -7.01
CA ASN A 20 5.35 10.55 -7.20
C ASN A 20 4.50 10.72 -5.92
N GLY A 21 5.07 10.34 -4.77
CA GLY A 21 4.42 10.55 -3.47
C GLY A 21 3.42 9.47 -3.06
N TYR A 22 3.10 8.55 -3.98
CA TYR A 22 2.21 7.44 -3.65
C TYR A 22 2.93 6.29 -2.93
N PHE A 23 2.18 5.55 -2.14
CA PHE A 23 2.68 4.39 -1.40
C PHE A 23 2.18 3.13 -2.09
N TYR A 24 3.08 2.16 -2.25
CA TYR A 24 2.83 0.93 -2.99
C TYR A 24 3.20 -0.30 -2.16
N SER A 25 2.54 -1.42 -2.41
CA SER A 25 2.85 -2.63 -1.66
CA SER A 25 2.84 -2.66 -1.70
C SER A 25 4.24 -3.15 -2.06
N GLY A 26 4.99 -3.60 -1.05
CA GLY A 26 6.33 -4.09 -1.26
C GLY A 26 6.81 -4.88 -0.05
N LYS A 27 8.09 -5.25 -0.09
CA LYS A 27 8.73 -5.96 1.02
C LYS A 27 10.09 -5.33 1.32
N ILE A 28 10.40 -5.20 2.60
CA ILE A 28 11.72 -4.76 3.00
C ILE A 28 12.71 -5.90 2.77
N THR A 29 13.78 -5.63 2.05
CA THR A 29 14.76 -6.68 1.73
C THR A 29 16.09 -6.46 2.43
N ARG A 30 16.33 -5.24 2.91
CA ARG A 30 17.57 -4.97 3.63
C ARG A 30 17.42 -3.76 4.52
N ASP A 31 18.07 -3.82 5.68
CA ASP A 31 18.21 -2.65 6.53
C ASP A 31 19.48 -1.96 6.09
N VAL A 32 19.33 -0.80 5.46
CA VAL A 32 20.46 -0.08 4.88
C VAL A 32 21.14 0.77 5.93
N GLY A 33 20.53 0.87 7.11
CA GLY A 33 21.10 1.62 8.22
C GLY A 33 20.57 3.04 8.37
N ALA A 34 20.61 3.54 9.60
CA ALA A 34 20.32 4.95 9.88
C ALA A 34 18.92 5.35 9.45
N GLY A 35 18.00 4.40 9.55
CA GLY A 35 16.61 4.69 9.26
C GLY A 35 16.24 4.44 7.80
N LYS A 36 17.14 3.82 7.05
CA LYS A 36 16.85 3.54 5.63
C LYS A 36 16.70 2.07 5.37
N TYR A 37 15.83 1.71 4.42
CA TYR A 37 15.53 0.32 4.12
C TYR A 37 15.49 0.11 2.64
N LYS A 38 15.98 -1.03 2.18
CA LYS A 38 15.83 -1.38 0.78
C LYS A 38 14.45 -2.02 0.60
N LEU A 39 13.74 -1.53 -0.41
N LEU A 39 13.77 -1.61 -0.47
CA LEU A 39 12.40 -2.01 -0.73
CA LEU A 39 12.38 -1.97 -0.69
C LEU A 39 12.42 -2.73 -2.07
C LEU A 39 12.21 -2.63 -2.06
N LEU A 40 11.81 -3.89 -2.10
CA LEU A 40 11.47 -4.55 -3.35
C LEU A 40 9.97 -4.41 -3.46
N PHE A 41 9.51 -3.54 -4.36
CA PHE A 41 8.09 -3.42 -4.61
C PHE A 41 7.53 -4.64 -5.34
N ASP A 42 6.22 -4.83 -5.24
CA ASP A 42 5.58 -5.99 -5.82
C ASP A 42 5.64 -5.98 -7.34
N ASP A 43 5.88 -4.82 -7.96
CA ASP A 43 6.02 -4.74 -9.42
C ASP A 43 7.46 -4.93 -9.86
N GLY A 44 8.36 -5.06 -8.90
CA GLY A 44 9.72 -5.48 -9.19
C GLY A 44 10.74 -4.36 -9.11
N TYR A 45 10.27 -3.13 -9.02
CA TYR A 45 11.14 -1.97 -8.82
C TYR A 45 11.78 -2.02 -7.43
N GLU A 46 13.05 -1.67 -7.33
CA GLU A 46 13.64 -1.57 -5.99
C GLU A 46 14.23 -0.18 -5.76
N CYS A 47 14.25 0.23 -4.50
CA CYS A 47 14.87 1.49 -4.12
C CYS A 47 14.97 1.58 -2.60
N ASP A 48 15.76 2.53 -2.12
CA ASP A 48 15.85 2.76 -0.69
C ASP A 48 14.78 3.74 -0.29
N VAL A 49 14.20 3.51 0.88
CA VAL A 49 13.11 4.32 1.39
C VAL A 49 13.36 4.61 2.86
N LEU A 50 13.12 5.85 3.29
CA LEU A 50 13.15 6.18 4.71
C LEU A 50 12.10 5.40 5.53
N GLY A 51 12.45 4.99 6.73
CA GLY A 51 11.51 4.24 7.54
C GLY A 51 10.25 5.04 7.78
N LYS A 52 10.36 6.35 7.86
CA LYS A 52 9.19 7.19 8.12
C LYS A 52 8.23 7.24 6.92
N ASP A 53 8.66 6.72 5.77
CA ASP A 53 7.79 6.60 4.59
C ASP A 53 7.35 5.16 4.33
N ILE A 54 7.54 4.31 5.32
CA ILE A 54 7.16 2.91 5.22
C ILE A 54 6.04 2.64 6.19
N LEU A 55 4.95 2.08 5.69
CA LEU A 55 3.79 1.75 6.53
C LEU A 55 3.71 0.26 6.75
N LEU A 56 3.70 -0.12 8.01
CA LEU A 56 3.64 -1.50 8.39
C LEU A 56 2.19 -2.00 8.45
N CYS A 57 1.46 -1.87 7.36
N CYS A 57 1.40 -1.78 7.42
CA CYS A 57 0.12 -2.41 7.27
CA CYS A 57 0.06 -2.34 7.44
C CYS A 57 -0.01 -3.41 6.12
C CYS A 57 -0.18 -3.21 6.22
N ASP A 58 -0.19 -4.67 6.49
N ASP A 58 -0.09 -4.51 6.45
CA ASP A 58 -0.49 -5.74 5.54
CA ASP A 58 -0.55 -5.51 5.52
C ASP A 58 -1.64 -6.55 6.14
C ASP A 58 -1.63 -6.31 6.24
N PRO A 59 -2.88 -6.25 5.75
CA PRO A 59 -3.33 -5.43 4.63
C PRO A 59 -3.49 -3.98 5.03
N ILE A 60 -3.78 -3.13 4.05
CA ILE A 60 -4.16 -1.76 4.33
C ILE A 60 -5.47 -1.82 5.12
N PRO A 61 -5.61 -0.99 6.16
CA PRO A 61 -6.69 -1.25 7.14
C PRO A 61 -8.10 -0.98 6.69
N LEU A 62 -9.07 -1.71 7.26
CA LEU A 62 -10.46 -1.37 7.07
C LEU A 62 -10.73 0.11 7.37
N ASP A 63 -11.66 0.66 6.59
CA ASP A 63 -12.10 2.05 6.71
C ASP A 63 -11.11 3.13 6.28
N THR A 64 -9.94 2.76 5.76
N THR A 64 -9.99 2.69 5.70
CA THR A 64 -9.03 3.80 5.28
CA THR A 64 -8.97 3.55 5.11
C THR A 64 -9.29 4.06 3.80
C THR A 64 -9.46 4.05 3.76
N GLU A 65 -9.22 5.34 3.46
CA GLU A 65 -9.42 5.80 2.09
C GLU A 65 -8.20 5.47 1.25
N VAL A 66 -8.42 4.79 0.15
CA VAL A 66 -7.31 4.35 -0.70
C VAL A 66 -7.53 4.82 -2.13
N THR A 67 -6.56 4.51 -2.99
CA THR A 67 -6.68 4.79 -4.42
C THR A 67 -6.78 3.44 -5.17
N ALA A 68 -7.90 3.25 -5.86
CA ALA A 68 -8.16 2.00 -6.58
C ALA A 68 -7.83 2.15 -8.05
N LEU A 69 -7.22 1.13 -8.62
CA LEU A 69 -6.75 1.20 -10.01
C LEU A 69 -7.66 0.37 -10.92
N SER A 70 -8.20 1.02 -11.93
N SER A 70 -8.22 1.03 -11.92
CA SER A 70 -8.96 0.35 -12.99
CA SER A 70 -8.95 0.34 -12.97
C SER A 70 -7.99 -0.16 -14.05
C SER A 70 -7.97 -0.20 -14.02
N GLU A 71 -8.38 -1.19 -14.81
CA GLU A 71 -7.44 -1.79 -15.74
C GLU A 71 -7.10 -0.90 -16.94
N ASP A 72 -7.96 0.06 -17.23
CA ASP A 72 -7.69 0.99 -18.34
C ASP A 72 -7.01 2.28 -17.85
N GLU A 73 -6.26 2.16 -16.76
CA GLU A 73 -5.40 3.23 -16.23
C GLU A 73 -6.16 4.45 -15.72
N TYR A 74 -7.35 4.20 -15.18
CA TYR A 74 -8.06 5.23 -14.45
C TYR A 74 -7.87 4.94 -12.99
N PHE A 75 -7.99 5.98 -12.17
N PHE A 75 -7.99 5.95 -12.15
CA PHE A 75 -7.85 5.89 -10.72
CA PHE A 75 -7.98 5.70 -10.71
C PHE A 75 -9.05 6.55 -10.05
C PHE A 75 -8.92 6.64 -9.99
N SER A 76 -9.26 6.25 -8.77
CA SER A 76 -10.30 6.92 -8.00
C SER A 76 -10.12 6.59 -6.53
N ALA A 77 -10.64 7.45 -5.67
CA ALA A 77 -10.62 7.21 -4.24
C ALA A 77 -11.74 6.26 -3.89
N GLY A 78 -11.55 5.56 -2.79
CA GLY A 78 -12.53 4.59 -2.31
C GLY A 78 -12.18 4.24 -0.88
N VAL A 79 -13.11 3.62 -0.18
CA VAL A 79 -12.89 3.24 1.21
C VAL A 79 -12.86 1.73 1.36
N VAL A 80 -11.85 1.22 2.07
CA VAL A 80 -11.73 -0.22 2.29
C VAL A 80 -12.87 -0.69 3.20
N LYS A 81 -13.66 -1.65 2.72
CA LYS A 81 -14.76 -2.17 3.52
C LYS A 81 -14.58 -3.65 3.82
N GLY A 82 -13.62 -4.32 3.18
CA GLY A 82 -13.42 -5.75 3.44
C GLY A 82 -12.07 -6.24 2.96
N HIS A 83 -11.61 -7.32 3.58
CA HIS A 83 -10.44 -8.04 3.11
C HIS A 83 -10.86 -9.49 2.93
N ARG A 84 -10.29 -10.13 1.91
N ARG A 84 -10.28 -10.15 1.93
CA ARG A 84 -10.52 -11.54 1.64
CA ARG A 84 -10.53 -11.56 1.72
C ARG A 84 -9.20 -12.22 1.25
C ARG A 84 -9.29 -12.27 1.20
N LYS A 85 -8.96 -13.40 1.81
CA LYS A 85 -7.84 -14.22 1.40
C LYS A 85 -8.39 -15.36 0.56
N GLU A 86 -7.83 -15.57 -0.62
CA GLU A 86 -8.18 -16.75 -1.42
C GLU A 86 -6.96 -17.26 -2.16
N SER A 87 -6.67 -18.54 -1.96
CA SER A 87 -5.49 -19.16 -2.54
C SER A 87 -4.26 -18.32 -2.24
N GLY A 88 -4.15 -17.84 -1.01
CA GLY A 88 -2.95 -17.16 -0.56
C GLY A 88 -2.85 -15.71 -1.06
N GLU A 89 -3.82 -15.30 -1.86
CA GLU A 89 -3.76 -13.94 -2.38
C GLU A 89 -4.78 -13.03 -1.69
N LEU A 90 -4.41 -11.77 -1.56
CA LEU A 90 -5.24 -10.79 -0.85
C LEU A 90 -6.14 -10.00 -1.80
N TYR A 91 -7.41 -9.81 -1.40
CA TYR A 91 -8.36 -8.99 -2.14
C TYR A 91 -8.99 -7.98 -1.20
N TYR A 92 -9.19 -6.78 -1.73
CA TYR A 92 -9.82 -5.67 -1.01
C TYR A 92 -11.21 -5.43 -1.58
N SER A 93 -12.17 -5.20 -0.72
CA SER A 93 -13.47 -4.71 -1.15
C SER A 93 -13.45 -3.23 -0.87
N ILE A 94 -13.65 -2.44 -1.92
N ILE A 94 -13.61 -2.42 -1.91
CA ILE A 94 -13.55 -0.98 -1.92
CA ILE A 94 -13.54 -0.97 -1.77
C ILE A 94 -14.90 -0.37 -2.26
C ILE A 94 -14.82 -0.31 -2.28
N GLU A 95 -15.34 0.61 -1.47
CA GLU A 95 -16.62 1.25 -1.71
C GLU A 95 -16.43 2.65 -2.31
N LYS A 96 -17.19 2.95 -3.35
CA LYS A 96 -17.15 4.24 -4.00
C LYS A 96 -18.58 4.58 -4.32
N GLU A 97 -19.07 5.69 -3.78
CA GLU A 97 -20.47 6.07 -3.97
C GLU A 97 -21.41 4.90 -3.67
N GLY A 98 -21.18 4.23 -2.54
CA GLY A 98 -22.14 3.27 -2.03
C GLY A 98 -22.10 1.92 -2.71
N GLN A 99 -21.22 1.78 -3.71
CA GLN A 99 -21.06 0.51 -4.40
C GLN A 99 -19.71 -0.09 -4.05
N ARG A 100 -19.70 -1.38 -3.74
CA ARG A 100 -18.45 -2.10 -3.46
C ARG A 100 -17.97 -2.89 -4.66
N LYS A 101 -16.65 -2.92 -4.80
CA LYS A 101 -15.98 -3.64 -5.88
C LYS A 101 -14.71 -4.30 -5.35
N TRP A 102 -14.40 -5.49 -5.84
CA TRP A 102 -13.17 -6.18 -5.46
C TRP A 102 -11.96 -5.73 -6.28
N TYR A 103 -10.80 -5.66 -5.62
CA TYR A 103 -9.53 -5.35 -6.26
C TYR A 103 -8.46 -6.27 -5.73
N LYS A 104 -7.61 -6.75 -6.64
CA LYS A 104 -6.39 -7.43 -6.23
C LYS A 104 -5.49 -6.44 -5.51
N ARG A 105 -4.56 -7.00 -4.75
CA ARG A 105 -3.61 -6.20 -3.99
C ARG A 105 -2.87 -5.18 -4.85
N MET A 106 -2.45 -5.61 -6.04
N MET A 106 -2.41 -5.56 -6.03
CA MET A 106 -1.64 -4.77 -6.93
CA MET A 106 -1.57 -4.63 -6.80
C MET A 106 -2.40 -3.53 -7.39
C MET A 106 -2.42 -3.56 -7.51
N ALA A 107 -3.72 -3.55 -7.26
CA ALA A 107 -4.58 -2.49 -7.77
C ALA A 107 -5.03 -1.53 -6.69
N VAL A 108 -4.40 -1.60 -5.51
CA VAL A 108 -4.73 -0.68 -4.43
C VAL A 108 -3.45 0.00 -3.95
N ILE A 109 -3.42 1.33 -4.05
CA ILE A 109 -2.27 2.10 -3.63
C ILE A 109 -2.77 3.25 -2.76
N LEU A 110 -1.85 3.99 -2.16
CA LEU A 110 -2.22 5.16 -1.34
C LEU A 110 -1.58 6.41 -1.94
N SER A 111 -2.37 7.47 -2.05
CA SER A 111 -1.84 8.76 -2.45
C SER A 111 -0.97 9.28 -1.30
N LEU A 112 -0.30 10.40 -1.53
CA LEU A 112 0.53 11.02 -0.50
C LEU A 112 -0.34 11.37 0.72
N GLU A 113 -1.52 11.94 0.47
N GLU A 113 -1.51 11.96 0.45
CA GLU A 113 -2.44 12.32 1.53
CA GLU A 113 -2.46 12.32 1.49
C GLU A 113 -2.94 11.08 2.28
C GLU A 113 -2.94 11.09 2.26
N GLN A 114 -3.30 10.04 1.53
CA GLN A 114 -3.84 8.83 2.14
C GLN A 114 -2.81 8.10 3.00
N GLY A 115 -1.58 7.96 2.49
CA GLY A 115 -0.53 7.25 3.21
C GLY A 115 -0.01 8.04 4.39
N ASN A 116 0.06 9.37 4.24
CA ASN A 116 0.49 10.24 5.34
C ASN A 116 -0.39 10.06 6.57
N ARG A 117 -1.70 9.86 6.35
CA ARG A 117 -2.67 9.70 7.43
C ARG A 117 -2.32 8.51 8.32
N LEU A 118 -1.67 7.51 7.75
CA LEU A 118 -1.40 6.25 8.43
C LEU A 118 -0.03 6.21 9.12
N ARG A 119 0.78 7.26 8.94
CA ARG A 119 2.16 7.20 9.41
C ARG A 119 2.25 7.17 10.94
N GLU A 120 1.37 7.89 11.62
CA GLU A 120 1.44 7.90 13.08
C GLU A 120 1.26 6.51 13.69
N GLN A 121 0.30 5.76 13.14
CA GLN A 121 -0.06 4.47 13.71
C GLN A 121 0.78 3.35 13.12
N TYR A 122 1.21 3.51 11.86
CA TYR A 122 1.80 2.41 11.12
C TYR A 122 3.21 2.67 10.58
N GLY A 123 3.71 3.89 10.71
CA GLY A 123 5.00 4.22 10.12
C GLY A 123 6.18 3.64 10.89
N LEU A 124 7.25 3.34 10.15
CA LEU A 124 8.51 2.89 10.76
C LEU A 124 9.48 4.05 10.98
N GLY A 125 8.95 5.24 11.21
CA GLY A 125 9.80 6.39 11.46
C GLY A 125 10.52 6.24 12.79
N MLY B 6 4.81 6.09 -14.15
CA MLY B 6 4.38 4.76 -13.75
CB MLY B 6 3.84 4.59 -12.33
CG MLY B 6 4.67 4.09 -11.15
CD MLY B 6 4.36 2.69 -10.65
CE MLY B 6 5.01 2.28 -9.34
NZ MLY B 6 6.21 1.48 -9.32
CH1 MLY B 6 7.04 1.88 -8.22
CH2 MLY B 6 6.94 1.82 -10.52
C MLY B 6 3.32 4.26 -14.72
O MLY B 6 3.28 3.11 -14.95
H MLY B 6 5.24 6.05 -15.06
HA MLY B 6 5.25 4.10 -13.85
HB2 MLY B 6 3.45 5.57 -12.03
HB3 MLY B 6 2.98 3.92 -12.41
HG2 MLY B 6 5.72 4.12 -11.43
HG3 MLY B 6 4.52 4.78 -10.32
HD2 MLY B 6 3.27 2.60 -10.53
HD3 MLY B 6 4.67 1.98 -11.42
HE2 MLY B 6 4.26 1.75 -8.76
HE3 MLY B 6 5.24 3.21 -8.81
HH11 MLY B 6 7.56 2.80 -8.46
HH12 MLY B 6 7.77 1.10 -8.01
HH13 MLY B 6 6.42 2.04 -7.33
HH21 MLY B 6 7.03 2.90 -10.60
HH22 MLY B 6 6.40 1.44 -11.39
HH23 MLY B 6 7.93 1.38 -10.49
C1 PGE C . -10.77 -15.41 -7.40
O1 PGE C . -11.50 -16.47 -6.86
C2 PGE C . -11.43 -14.03 -7.39
O2 PGE C . -11.62 -13.54 -6.10
C3 PGE C . -12.51 -12.51 -5.77
C4 PGE C . -12.71 -12.29 -4.28
O4 PGE C . -17.41 -13.28 -3.59
C6 PGE C . -16.12 -12.97 -3.15
C5 PGE C . -15.12 -12.47 -4.21
O3 PGE C . -13.95 -11.85 -3.81
H1 PGE C . -10.54 -15.66 -8.43
H12 PGE C . -9.83 -15.33 -6.85
HO1 PGE C . -10.95 -17.23 -6.81
H2 PGE C . -10.82 -13.34 -7.94
H22 PGE C . -12.40 -14.12 -7.87
H3 PGE C . -12.19 -11.58 -6.23
H32 PGE C . -13.48 -12.74 -6.21
H4 PGE C . -11.95 -11.61 -3.93
H42 PGE C . -12.54 -13.25 -3.81
HO4 PGE C . -17.86 -13.78 -2.91
H6 PGE C . -16.21 -12.19 -2.40
H62 PGE C . -15.69 -13.85 -2.68
H5 PGE C . -15.66 -11.78 -4.85
H52 PGE C . -14.85 -13.33 -4.81
S SO4 D . -0.69 -11.06 -3.12
O1 SO4 D . -1.63 -10.78 -2.04
O2 SO4 D . 0.07 -9.86 -3.47
O3 SO4 D . 0.25 -12.08 -2.65
O4 SO4 D . -1.45 -11.50 -4.29
#